data_8Q6G
#
_entry.id   8Q6G
#
_cell.length_a   57.737
_cell.length_b   67.838
_cell.length_c   106.947
_cell.angle_alpha   90.00
_cell.angle_beta   90.00
_cell.angle_gamma   90.00
#
_symmetry.space_group_name_H-M   'P 21 21 21'
#
loop_
_entity.id
_entity.type
_entity.pdbx_description
1 polymer 'Phosphatidylinositol 4-kinase beta'
2 non-polymer 3-(3,4-dimethoxyphenyl)-7-[(4-fluorosulfonyloxyphenyl)methylamino]-2,5-dimethyl-pyrazolo[1,5-a]pyrimidine
3 non-polymer 'MAGNESIUM ION'
4 non-polymer 1,2-ETHANEDIOL
5 water water
#
_entity_poly.entity_id   1
_entity_poly.type   'polypeptide(L)'
_entity_poly.pdbx_seq_one_letter_code
;GRTASNPKVENEDEPVRLAPEREFIKSLMAIGKRLATLPTKEQKTQRLISELSLLNHKLPARVWLPTAGFDHHVVRVPHT
QAVVLNSKDKAPYLIYVEVLECENFDTTSVPARIPENRIQSTQSVETAFKRDPEDPSAVALKEPWQEKVRRIREGSPYGH
LPNWRLLSVIVKCGDDLRQELLAFQVLKQLQSIWEQERVPLWIKPYKILVISADSGMIEPVVNAVSIHQVKKQSQLSLLD
YFLQEHGSYTTEAFLSAQRNFVQSCAGYCLVCYLLQVKDRHNGNILLDAEGHIIHIDFGFILSSSPRNLGFETSAFKLTT
EFVDVMGGLDGDMFNYYKMLMLQGLIAARKHMDKVVQIVEIMQQGSQLPCFHGSSTIRNLKERFHMSMTEEQLQLLVEQM
VDGSMRSITTKLYDGFQYLTNGIM
;
_entity_poly.pdbx_strand_id   A
#
# COMPACT_ATOMS: atom_id res chain seq x y z
N GLU A 14 -0.30 -31.84 21.77
CA GLU A 14 0.37 -31.37 20.52
C GLU A 14 0.64 -29.87 20.63
N PRO A 15 1.86 -29.45 21.03
CA PRO A 15 2.27 -28.05 20.97
C PRO A 15 2.38 -27.54 19.54
N VAL A 16 2.26 -26.22 19.36
CA VAL A 16 2.34 -25.58 18.06
C VAL A 16 3.76 -25.78 17.52
N ARG A 17 3.89 -26.66 16.52
CA ARG A 17 5.19 -26.99 15.95
C ARG A 17 5.55 -25.96 14.88
N LEU A 18 6.85 -25.65 14.80
CA LEU A 18 7.35 -24.60 13.93
C LEU A 18 7.85 -25.16 12.60
N ALA A 19 8.24 -26.45 12.59
CA ALA A 19 8.82 -27.04 11.39
C ALA A 19 7.80 -27.07 10.25
N PRO A 20 6.52 -27.39 10.46
CA PRO A 20 5.53 -27.35 9.38
C PRO A 20 5.44 -25.97 8.75
N GLU A 21 5.49 -24.94 9.61
CA GLU A 21 5.36 -23.57 9.14
C GLU A 21 6.58 -23.18 8.32
N ARG A 22 7.78 -23.55 8.80
CA ARG A 22 9.00 -23.22 8.08
C ARG A 22 8.98 -23.87 6.70
N GLU A 23 8.55 -25.13 6.64
CA GLU A 23 8.51 -25.86 5.39
C GLU A 23 7.49 -25.23 4.45
N PHE A 24 6.36 -24.75 4.99
CA PHE A 24 5.33 -24.08 4.20
C PHE A 24 5.90 -22.80 3.56
N ILE A 25 6.49 -21.92 4.39
CA ILE A 25 7.03 -20.67 3.90
C ILE A 25 8.14 -20.97 2.88
N LYS A 26 9.01 -21.94 3.19
CA LYS A 26 10.09 -22.31 2.28
C LYS A 26 9.57 -22.84 0.96
N SER A 27 8.43 -23.55 0.98
N SER A 27 8.43 -23.54 0.99
CA SER A 27 7.83 -24.09 -0.23
CA SER A 27 7.82 -24.10 -0.21
C SER A 27 7.41 -22.96 -1.17
C SER A 27 7.39 -22.98 -1.17
N LEU A 28 6.88 -21.88 -0.61
CA LEU A 28 6.46 -20.74 -1.42
C LEU A 28 7.69 -20.10 -2.06
N MET A 29 8.80 -20.04 -1.32
CA MET A 29 10.03 -19.44 -1.85
C MET A 29 10.63 -20.37 -2.90
N ALA A 30 10.55 -21.69 -2.65
CA ALA A 30 11.12 -22.69 -3.55
C ALA A 30 10.37 -22.66 -4.89
N ILE A 31 9.05 -22.43 -4.84
CA ILE A 31 8.26 -22.25 -6.05
C ILE A 31 8.83 -21.10 -6.86
N GLY A 32 9.05 -19.96 -6.20
CA GLY A 32 9.56 -18.77 -6.86
C GLY A 32 10.90 -19.03 -7.56
N LYS A 33 11.79 -19.77 -6.88
CA LYS A 33 13.11 -20.09 -7.39
C LYS A 33 13.04 -20.94 -8.66
N ARG A 34 12.09 -21.89 -8.71
CA ARG A 34 11.95 -22.73 -9.90
C ARG A 34 11.34 -21.94 -11.05
N LEU A 35 10.38 -21.05 -10.77
CA LEU A 35 9.78 -20.22 -11.81
C LEU A 35 10.85 -19.31 -12.43
N ALA A 36 11.80 -18.88 -11.61
CA ALA A 36 12.80 -17.90 -12.01
C ALA A 36 13.79 -18.51 -13.01
N THR A 37 13.78 -19.85 -13.18
CA THR A 37 14.63 -20.50 -14.15
C THR A 37 14.02 -20.43 -15.55
N LEU A 38 12.79 -19.90 -15.65
CA LEU A 38 12.05 -19.90 -16.90
C LEU A 38 12.12 -18.52 -17.55
N PRO A 39 12.34 -18.44 -18.88
CA PRO A 39 12.49 -17.15 -19.56
C PRO A 39 11.20 -16.34 -19.75
N THR A 40 10.07 -17.03 -20.03
CA THR A 40 8.84 -16.35 -20.40
C THR A 40 7.78 -16.48 -19.31
N LYS A 41 6.91 -15.48 -19.26
CA LYS A 41 5.81 -15.40 -18.31
C LYS A 41 4.84 -16.56 -18.55
N GLU A 42 4.61 -16.89 -19.82
CA GLU A 42 3.72 -17.96 -20.22
C GLU A 42 4.15 -19.27 -19.56
N GLN A 43 5.46 -19.56 -19.64
CA GLN A 43 6.02 -20.77 -19.07
C GLN A 43 5.90 -20.76 -17.55
N LYS A 44 6.12 -19.60 -16.91
CA LYS A 44 6.03 -19.48 -15.46
C LYS A 44 4.61 -19.77 -14.99
N THR A 45 3.63 -19.27 -15.76
CA THR A 45 2.22 -19.50 -15.47
C THR A 45 1.91 -21.00 -15.46
N GLN A 46 2.41 -21.73 -16.45
CA GLN A 46 2.20 -23.17 -16.55
C GLN A 46 2.84 -23.87 -15.36
N ARG A 47 4.10 -23.53 -15.07
CA ARG A 47 4.85 -24.15 -13.99
C ARG A 47 4.14 -23.86 -12.67
N LEU A 48 3.60 -22.65 -12.50
CA LEU A 48 2.99 -22.26 -11.23
C LEU A 48 1.79 -23.15 -10.92
N ILE A 49 1.01 -23.52 -11.94
CA ILE A 49 -0.14 -24.37 -11.76
C ILE A 49 0.30 -25.74 -11.20
N SER A 50 1.31 -26.33 -11.81
CA SER A 50 1.86 -27.59 -11.32
C SER A 50 2.35 -27.47 -9.89
N GLU A 51 3.11 -26.39 -9.60
CA GLU A 51 3.67 -26.18 -8.28
C GLU A 51 2.59 -26.10 -7.22
N LEU A 52 1.50 -25.37 -7.51
CA LEU A 52 0.46 -25.19 -6.50
C LEU A 52 -0.34 -26.48 -6.28
N SER A 53 -0.52 -27.27 -7.36
N SER A 53 -0.52 -27.26 -7.36
CA SER A 53 -1.14 -28.57 -7.24
CA SER A 53 -1.12 -28.58 -7.26
C SER A 53 -0.35 -29.44 -6.25
C SER A 53 -0.36 -29.42 -6.24
N LEU A 54 0.98 -29.40 -6.34
CA LEU A 54 1.83 -30.14 -5.41
C LEU A 54 1.63 -29.67 -3.98
N LEU A 55 1.56 -28.36 -3.80
CA LEU A 55 1.37 -27.76 -2.49
C LEU A 55 0.11 -28.33 -1.82
N ASN A 56 -0.96 -28.52 -2.61
CA ASN A 56 -2.23 -28.96 -2.06
C ASN A 56 -2.21 -30.41 -1.58
N HIS A 57 -1.24 -31.21 -2.05
CA HIS A 57 -1.06 -32.57 -1.53
C HIS A 57 -0.93 -32.56 0.00
N LYS A 58 -0.37 -31.48 0.54
CA LYS A 58 0.00 -31.43 1.96
C LYS A 58 -1.04 -30.70 2.81
N LEU A 59 -2.15 -30.24 2.21
CA LEU A 59 -3.12 -29.40 2.89
C LEU A 59 -4.44 -30.14 3.03
N PRO A 60 -5.28 -29.83 4.05
CA PRO A 60 -4.95 -28.92 5.15
C PRO A 60 -3.79 -29.38 6.04
N ALA A 61 -3.12 -28.42 6.67
CA ALA A 61 -2.01 -28.73 7.54
C ALA A 61 -1.98 -27.73 8.68
N ARG A 62 -1.12 -28.01 9.68
CA ARG A 62 -0.95 -27.10 10.80
C ARG A 62 0.03 -25.99 10.41
N VAL A 63 -0.39 -25.20 9.42
CA VAL A 63 0.36 -24.09 8.89
C VAL A 63 -0.58 -22.90 8.72
N TRP A 64 0.03 -21.72 8.68
CA TRP A 64 -0.68 -20.46 8.64
C TRP A 64 0.04 -19.49 7.71
N LEU A 65 -0.75 -18.55 7.18
CA LEU A 65 -0.24 -17.39 6.47
C LEU A 65 -0.08 -16.26 7.48
N PRO A 66 1.16 -15.85 7.85
CA PRO A 66 1.36 -14.85 8.90
C PRO A 66 0.73 -13.48 8.64
N THR A 67 0.41 -13.20 7.37
CA THR A 67 -0.20 -11.94 6.98
C THR A 67 -1.71 -11.91 7.25
N ALA A 68 -2.28 -13.02 7.75
CA ALA A 68 -3.73 -13.08 7.98
C ALA A 68 -4.18 -12.09 9.05
N GLY A 69 -3.53 -12.10 10.21
CA GLY A 69 -3.90 -11.23 11.32
C GLY A 69 -5.07 -11.78 12.14
N PHE A 70 -5.33 -13.08 11.96
CA PHE A 70 -6.30 -13.83 12.74
C PHE A 70 -5.86 -15.29 12.68
N ASP A 71 -6.17 -16.05 13.74
CA ASP A 71 -5.77 -17.45 13.83
C ASP A 71 -6.58 -18.26 12.81
N HIS A 72 -5.92 -19.23 12.18
CA HIS A 72 -6.49 -20.01 11.09
C HIS A 72 -5.56 -21.15 10.72
N HIS A 73 -6.09 -22.12 9.97
CA HIS A 73 -5.29 -23.14 9.27
C HIS A 73 -5.45 -22.95 7.77
N VAL A 74 -4.37 -23.14 7.00
CA VAL A 74 -4.47 -23.13 5.54
C VAL A 74 -5.09 -24.45 5.10
N VAL A 75 -6.07 -24.39 4.20
CA VAL A 75 -6.76 -25.59 3.73
C VAL A 75 -6.53 -25.85 2.25
N ARG A 76 -6.32 -24.81 1.43
CA ARG A 76 -6.28 -24.99 0.00
C ARG A 76 -5.62 -23.78 -0.66
N VAL A 77 -4.85 -24.02 -1.73
CA VAL A 77 -4.34 -22.95 -2.57
C VAL A 77 -4.82 -23.23 -3.99
N PRO A 78 -5.93 -22.60 -4.44
CA PRO A 78 -6.50 -22.90 -5.76
C PRO A 78 -5.48 -22.73 -6.89
N HIS A 79 -5.11 -23.86 -7.51
CA HIS A 79 -3.90 -23.96 -8.30
C HIS A 79 -4.05 -23.31 -9.67
N THR A 80 -5.28 -23.01 -10.10
CA THR A 80 -5.48 -22.37 -11.40
C THR A 80 -5.64 -20.86 -11.26
N GLN A 81 -5.64 -20.32 -10.03
CA GLN A 81 -6.13 -18.98 -9.79
C GLN A 81 -5.00 -17.99 -9.48
N ALA A 82 -3.76 -18.46 -9.49
CA ALA A 82 -2.63 -17.62 -9.12
C ALA A 82 -2.20 -16.79 -10.32
N VAL A 83 -1.33 -15.81 -10.09
CA VAL A 83 -0.94 -14.85 -11.11
C VAL A 83 0.58 -14.69 -11.05
N VAL A 84 1.25 -14.89 -12.18
CA VAL A 84 2.65 -14.53 -12.30
C VAL A 84 2.70 -13.03 -12.61
N LEU A 85 3.42 -12.27 -11.77
CA LEU A 85 3.49 -10.83 -11.93
C LEU A 85 4.62 -10.46 -12.88
N ASN A 86 4.59 -9.20 -13.34
CA ASN A 86 5.54 -8.71 -14.32
C ASN A 86 6.90 -8.48 -13.66
N SER A 87 7.94 -8.98 -14.33
CA SER A 87 9.30 -8.83 -13.83
C SER A 87 10.28 -9.03 -14.98
N LYS A 88 11.27 -8.14 -15.04
CA LYS A 88 12.31 -8.20 -16.06
C LYS A 88 13.20 -9.43 -15.81
N ASP A 89 13.54 -9.67 -14.54
CA ASP A 89 14.48 -10.72 -14.18
C ASP A 89 13.85 -11.73 -13.21
N LYS A 90 13.11 -11.23 -12.21
CA LYS A 90 12.68 -12.03 -11.08
C LYS A 90 11.43 -12.84 -11.44
N ALA A 91 10.92 -13.60 -10.47
CA ALA A 91 9.71 -14.38 -10.65
C ALA A 91 8.73 -14.14 -9.50
N PRO A 92 8.30 -12.87 -9.25
CA PRO A 92 7.27 -12.61 -8.26
C PRO A 92 5.95 -13.24 -8.71
N TYR A 93 5.15 -13.72 -7.76
CA TYR A 93 3.86 -14.26 -8.09
C TYR A 93 2.89 -13.97 -6.95
N LEU A 94 1.60 -14.00 -7.30
CA LEU A 94 0.50 -13.74 -6.39
C LEU A 94 -0.37 -14.99 -6.30
N ILE A 95 -0.60 -15.46 -5.07
CA ILE A 95 -1.49 -16.59 -4.84
C ILE A 95 -2.66 -16.16 -3.95
N TYR A 96 -3.77 -16.89 -4.14
CA TYR A 96 -4.90 -16.81 -3.26
C TYR A 96 -4.87 -18.05 -2.38
N VAL A 97 -5.11 -17.85 -1.08
CA VAL A 97 -4.94 -18.90 -0.10
C VAL A 97 -6.22 -19.00 0.72
N GLU A 98 -6.82 -20.18 0.68
CA GLU A 98 -8.05 -20.46 1.42
C GLU A 98 -7.67 -20.91 2.82
N VAL A 99 -8.31 -20.32 3.83
CA VAL A 99 -8.06 -20.65 5.23
C VAL A 99 -9.39 -20.82 5.95
N LEU A 100 -9.35 -21.54 7.08
CA LEU A 100 -10.47 -21.63 8.01
C LEU A 100 -10.07 -20.94 9.31
N GLU A 101 -10.82 -19.90 9.65
CA GLU A 101 -10.56 -19.15 10.86
C GLU A 101 -10.92 -20.00 12.07
N CYS A 102 -10.08 -19.90 13.12
CA CYS A 102 -10.38 -20.49 14.41
C CYS A 102 -10.11 -19.45 15.49
N GLU A 103 -10.63 -19.70 16.68
CA GLU A 103 -10.58 -18.70 17.75
C GLU A 103 -9.22 -18.77 18.44
N ASN A 104 -8.74 -19.98 18.71
CA ASN A 104 -7.43 -20.21 19.31
C ASN A 104 -6.70 -21.33 18.58
N PHE A 105 -5.57 -21.00 17.95
CA PHE A 105 -4.86 -21.93 17.10
C PHE A 105 -4.26 -23.08 17.91
N ASP A 106 -3.89 -22.80 19.17
CA ASP A 106 -3.19 -23.76 20.00
C ASP A 106 -4.13 -24.89 20.42
N THR A 107 -5.43 -24.61 20.57
CA THR A 107 -6.40 -25.59 21.03
C THR A 107 -7.13 -26.26 19.87
N THR A 108 -7.12 -25.62 18.69
CA THR A 108 -7.90 -26.07 17.55
C THR A 108 -7.15 -27.14 16.77
N SER A 109 -7.87 -28.22 16.40
CA SER A 109 -7.33 -29.29 15.57
C SER A 109 -7.26 -28.85 14.13
N VAL A 110 -6.34 -29.44 13.37
CA VAL A 110 -6.26 -29.20 11.93
C VAL A 110 -7.56 -29.67 11.28
N PRO A 111 -8.19 -28.85 10.42
CA PRO A 111 -9.43 -29.23 9.74
C PRO A 111 -9.25 -30.47 8.87
N ALA A 112 -10.26 -31.35 8.90
CA ALA A 112 -10.26 -32.55 8.08
C ALA A 112 -10.27 -32.13 6.62
N ARG A 113 -9.56 -32.89 5.78
CA ARG A 113 -9.61 -32.67 4.34
C ARG A 113 -11.02 -32.97 3.85
N ILE A 114 -11.47 -32.15 2.90
CA ILE A 114 -12.68 -32.42 2.13
C ILE A 114 -12.24 -32.67 0.70
N PRO A 115 -12.48 -33.89 0.13
CA PRO A 115 -12.06 -34.21 -1.23
C PRO A 115 -12.57 -33.26 -2.30
N GLU A 116 -11.79 -33.14 -3.38
CA GLU A 116 -12.19 -32.38 -4.54
C GLU A 116 -13.34 -33.12 -5.25
N GLU A 143 -9.79 -9.55 -12.94
CA GLU A 143 -11.16 -9.28 -12.44
C GLU A 143 -11.08 -8.65 -11.05
N PRO A 144 -12.18 -8.06 -10.53
CA PRO A 144 -12.21 -7.63 -9.12
C PRO A 144 -11.95 -8.77 -8.13
N TRP A 145 -11.61 -8.35 -6.91
CA TRP A 145 -11.53 -9.23 -5.76
C TRP A 145 -12.84 -9.98 -5.57
N GLN A 146 -13.96 -9.25 -5.69
CA GLN A 146 -15.27 -9.77 -5.39
C GLN A 146 -15.60 -10.96 -6.28
N GLU A 147 -15.20 -10.89 -7.56
CA GLU A 147 -15.47 -11.96 -8.50
C GLU A 147 -14.53 -13.14 -8.25
N LYS A 148 -13.27 -12.86 -7.90
CA LYS A 148 -12.32 -13.91 -7.58
C LYS A 148 -12.83 -14.69 -6.38
N VAL A 149 -13.24 -13.97 -5.33
CA VAL A 149 -13.75 -14.61 -4.13
C VAL A 149 -14.92 -15.52 -4.51
N ARG A 150 -15.87 -14.98 -5.28
CA ARG A 150 -17.06 -15.73 -5.66
C ARG A 150 -16.67 -17.01 -6.38
N ARG A 151 -15.80 -16.89 -7.39
CA ARG A 151 -15.43 -18.02 -8.23
C ARG A 151 -14.66 -19.07 -7.42
N ILE A 152 -13.72 -18.63 -6.57
CA ILE A 152 -12.95 -19.59 -5.80
C ILE A 152 -13.87 -20.30 -4.81
N ARG A 153 -14.73 -19.52 -4.12
CA ARG A 153 -15.61 -20.10 -3.13
C ARG A 153 -16.46 -21.20 -3.77
N GLU A 154 -17.04 -20.92 -4.94
CA GLU A 154 -17.95 -21.86 -5.59
C GLU A 154 -17.21 -23.13 -5.98
N GLY A 155 -15.96 -23.00 -6.42
CA GLY A 155 -15.18 -24.14 -6.88
C GLY A 155 -14.49 -24.91 -5.74
N SER A 156 -14.51 -24.36 -4.52
CA SER A 156 -13.76 -24.95 -3.41
C SER A 156 -14.63 -25.91 -2.60
N PRO A 157 -14.09 -27.08 -2.21
CA PRO A 157 -14.81 -27.98 -1.31
C PRO A 157 -14.96 -27.43 0.11
N TYR A 158 -14.25 -26.33 0.42
CA TYR A 158 -14.29 -25.69 1.73
C TYR A 158 -15.16 -24.44 1.73
N GLY A 159 -15.61 -24.00 0.55
CA GLY A 159 -16.19 -22.67 0.38
C GLY A 159 -17.52 -22.47 1.10
N HIS A 160 -18.20 -23.57 1.45
CA HIS A 160 -19.48 -23.50 2.15
C HIS A 160 -19.28 -23.21 3.65
N LEU A 161 -18.08 -23.41 4.17
CA LEU A 161 -17.87 -23.30 5.61
C LEU A 161 -17.94 -21.84 6.03
N PRO A 162 -18.67 -21.52 7.13
CA PRO A 162 -18.83 -20.13 7.56
C PRO A 162 -17.52 -19.44 7.99
N ASN A 163 -16.54 -20.24 8.42
CA ASN A 163 -15.25 -19.72 8.87
C ASN A 163 -14.23 -19.73 7.73
N TRP A 164 -14.66 -20.03 6.51
CA TRP A 164 -13.81 -19.90 5.34
C TRP A 164 -13.50 -18.43 5.06
N ARG A 165 -12.24 -18.16 4.70
CA ARG A 165 -11.78 -16.84 4.32
C ARG A 165 -10.75 -16.99 3.20
N LEU A 166 -10.76 -16.04 2.27
CA LEU A 166 -9.77 -16.04 1.22
C LEU A 166 -8.75 -14.95 1.53
N LEU A 167 -7.48 -15.35 1.53
CA LEU A 167 -6.39 -14.41 1.69
C LEU A 167 -5.60 -14.35 0.39
N SER A 168 -4.76 -13.30 0.26
CA SER A 168 -3.89 -13.19 -0.87
C SER A 168 -2.49 -12.80 -0.39
N VAL A 169 -1.47 -13.26 -1.11
CA VAL A 169 -0.10 -12.89 -0.79
C VAL A 169 0.74 -12.91 -2.08
N ILE A 170 1.64 -11.93 -2.16
CA ILE A 170 2.63 -11.87 -3.22
C ILE A 170 3.93 -12.42 -2.65
N VAL A 171 4.51 -13.38 -3.39
CA VAL A 171 5.73 -14.03 -2.97
C VAL A 171 6.85 -13.53 -3.86
N LYS A 172 7.88 -12.95 -3.22
CA LYS A 172 9.02 -12.39 -3.92
C LYS A 172 10.28 -13.06 -3.40
N CYS A 173 10.74 -14.09 -4.11
CA CYS A 173 11.81 -14.95 -3.62
C CYS A 173 13.19 -14.35 -3.89
N GLY A 174 13.26 -13.23 -4.64
CA GLY A 174 14.54 -12.62 -4.97
C GLY A 174 14.54 -11.10 -4.84
N ASP A 175 13.70 -10.55 -3.96
CA ASP A 175 13.65 -9.11 -3.73
C ASP A 175 13.81 -8.83 -2.24
N ASP A 176 14.65 -7.85 -1.90
CA ASP A 176 14.81 -7.39 -0.53
C ASP A 176 13.62 -6.51 -0.16
N LEU A 177 12.87 -6.88 0.89
CA LEU A 177 11.67 -6.15 1.26
C LEU A 177 11.83 -5.37 2.58
N ARG A 178 13.06 -5.18 3.06
CA ARG A 178 13.29 -4.51 4.33
C ARG A 178 12.88 -3.03 4.26
N GLN A 179 13.04 -2.39 3.09
CA GLN A 179 12.63 -1.01 2.92
C GLN A 179 11.10 -0.94 2.94
N GLU A 180 10.43 -1.93 2.31
CA GLU A 180 8.98 -2.00 2.36
C GLU A 180 8.52 -2.21 3.80
N LEU A 181 9.25 -3.06 4.54
CA LEU A 181 8.89 -3.33 5.93
C LEU A 181 9.03 -2.05 6.75
N LEU A 182 10.10 -1.29 6.52
CA LEU A 182 10.26 -0.03 7.22
C LEU A 182 9.06 0.88 6.94
N ALA A 183 8.69 1.00 5.67
CA ALA A 183 7.56 1.85 5.30
C ALA A 183 6.29 1.37 6.00
N PHE A 184 6.11 0.04 6.08
CA PHE A 184 4.92 -0.52 6.69
C PHE A 184 4.88 -0.15 8.18
N GLN A 185 6.03 -0.23 8.86
CA GLN A 185 6.12 0.06 10.28
C GLN A 185 5.81 1.54 10.54
N VAL A 186 6.34 2.41 9.69
CA VAL A 186 6.14 3.85 9.83
C VAL A 186 4.66 4.17 9.57
N LEU A 187 4.08 3.58 8.52
CA LEU A 187 2.70 3.82 8.18
C LEU A 187 1.80 3.40 9.34
N LYS A 188 2.02 2.22 9.93
CA LYS A 188 1.23 1.78 11.06
C LYS A 188 1.35 2.76 12.23
N GLN A 189 2.55 3.30 12.45
CA GLN A 189 2.78 4.23 13.56
C GLN A 189 2.03 5.55 13.32
N LEU A 190 2.11 6.07 12.10
CA LEU A 190 1.39 7.27 11.73
C LEU A 190 -0.11 7.06 11.86
N GLN A 191 -0.59 5.88 11.46
CA GLN A 191 -1.99 5.56 11.59
C GLN A 191 -2.39 5.60 13.07
N SER A 192 -1.56 5.03 13.93
CA SER A 192 -1.84 5.00 15.36
C SER A 192 -1.83 6.40 15.97
N ILE A 193 -0.87 7.22 15.54
CA ILE A 193 -0.75 8.61 15.99
C ILE A 193 -2.01 9.39 15.64
N TRP A 194 -2.48 9.25 14.40
CA TRP A 194 -3.59 10.05 13.91
C TRP A 194 -4.89 9.61 14.60
N GLU A 195 -5.01 8.30 14.89
CA GLU A 195 -6.13 7.76 15.65
C GLU A 195 -6.12 8.34 17.07
N GLN A 196 -4.96 8.31 17.71
CA GLN A 196 -4.77 8.81 19.07
C GLN A 196 -5.13 10.29 19.15
N GLU A 197 -4.73 11.08 18.14
CA GLU A 197 -4.97 12.51 18.12
C GLU A 197 -6.30 12.86 17.45
N ARG A 198 -7.10 11.85 17.05
CA ARG A 198 -8.42 12.05 16.47
C ARG A 198 -8.35 12.97 15.25
N VAL A 199 -7.38 12.68 14.38
CA VAL A 199 -7.26 13.32 13.08
C VAL A 199 -7.72 12.31 12.04
N PRO A 200 -8.84 12.58 11.31
CA PRO A 200 -9.43 11.59 10.40
C PRO A 200 -8.75 11.39 9.04
N LEU A 201 -7.42 11.43 9.05
CA LEU A 201 -6.62 11.02 7.90
C LEU A 201 -6.81 9.53 7.69
N TRP A 202 -6.63 9.09 6.44
CA TRP A 202 -6.81 7.69 6.11
C TRP A 202 -5.63 7.21 5.29
N ILE A 203 -5.01 6.11 5.73
CA ILE A 203 -4.03 5.41 4.93
C ILE A 203 -4.27 3.90 5.07
N LYS A 204 -3.60 3.13 4.21
CA LYS A 204 -3.73 1.68 4.18
C LYS A 204 -2.33 1.06 4.19
N PRO A 205 -1.74 0.84 5.38
CA PRO A 205 -0.50 0.08 5.48
C PRO A 205 -0.80 -1.32 4.96
N TYR A 206 0.09 -1.89 4.13
CA TYR A 206 -0.04 -3.26 3.67
C TYR A 206 1.10 -4.09 4.25
N LYS A 207 0.75 -5.32 4.66
CA LYS A 207 1.62 -6.15 5.44
C LYS A 207 2.79 -6.66 4.61
N ILE A 208 3.97 -6.65 5.24
CA ILE A 208 5.22 -7.12 4.67
C ILE A 208 5.82 -8.15 5.61
N LEU A 209 6.24 -9.30 5.05
CA LEU A 209 7.08 -10.25 5.74
C LEU A 209 8.46 -10.28 5.09
N VAL A 210 9.51 -10.07 5.89
CA VAL A 210 10.87 -10.22 5.43
C VAL A 210 11.32 -11.64 5.76
N ILE A 211 11.68 -12.40 4.73
CA ILE A 211 12.10 -13.78 4.94
C ILE A 211 13.62 -13.75 5.03
N SER A 212 14.33 -13.84 3.90
CA SER A 212 15.77 -13.61 3.87
C SER A 212 16.06 -12.15 3.58
N ALA A 213 17.35 -11.82 3.50
CA ALA A 213 17.81 -10.51 3.06
C ALA A 213 17.31 -10.21 1.65
N ASP A 214 17.07 -11.23 0.82
CA ASP A 214 16.66 -10.97 -0.55
C ASP A 214 15.36 -11.70 -0.88
N SER A 215 14.49 -11.90 0.10
CA SER A 215 13.18 -12.49 -0.21
C SER A 215 12.14 -12.04 0.81
N GLY A 216 10.88 -11.99 0.38
CA GLY A 216 9.80 -11.68 1.31
C GLY A 216 8.42 -11.88 0.71
N MET A 217 7.41 -11.46 1.49
CA MET A 217 6.01 -11.59 1.12
C MET A 217 5.27 -10.29 1.43
N ILE A 218 4.27 -10.00 0.60
CA ILE A 218 3.47 -8.80 0.63
C ILE A 218 2.00 -9.18 0.58
N GLU A 219 1.20 -8.69 1.54
CA GLU A 219 -0.25 -8.80 1.44
C GLU A 219 -0.76 -7.65 0.57
N PRO A 220 -1.24 -7.93 -0.66
CA PRO A 220 -1.70 -6.87 -1.55
C PRO A 220 -2.97 -6.20 -1.02
N VAL A 221 -3.20 -4.97 -1.49
CA VAL A 221 -4.46 -4.30 -1.26
C VAL A 221 -5.40 -4.72 -2.39
N VAL A 222 -6.44 -5.48 -2.06
CA VAL A 222 -7.20 -6.23 -3.07
C VAL A 222 -8.44 -5.46 -3.55
N ASN A 223 -8.98 -4.54 -2.75
CA ASN A 223 -10.27 -3.96 -3.09
C ASN A 223 -10.08 -2.68 -3.92
N ALA A 224 -9.08 -2.68 -4.80
CA ALA A 224 -8.63 -1.44 -5.42
C ALA A 224 -7.89 -1.74 -6.71
N VAL A 225 -7.90 -0.73 -7.60
CA VAL A 225 -7.28 -0.77 -8.91
C VAL A 225 -6.45 0.49 -9.09
N SER A 226 -5.33 0.39 -9.83
CA SER A 226 -4.48 1.54 -10.08
C SER A 226 -5.30 2.63 -10.79
N ILE A 227 -4.93 3.88 -10.54
CA ILE A 227 -5.61 4.99 -11.17
C ILE A 227 -5.41 4.91 -12.67
N HIS A 228 -4.23 4.42 -13.09
CA HIS A 228 -3.97 4.16 -14.49
C HIS A 228 -5.10 3.35 -15.09
N GLN A 229 -5.41 2.19 -14.49
CA GLN A 229 -6.39 1.28 -15.04
C GLN A 229 -7.81 1.84 -14.90
N VAL A 230 -8.09 2.57 -13.82
CA VAL A 230 -9.41 3.16 -13.62
C VAL A 230 -9.73 4.08 -14.79
N LYS A 231 -8.73 4.88 -15.20
CA LYS A 231 -8.89 5.85 -16.28
C LYS A 231 -8.87 5.16 -17.64
N LYS A 232 -7.99 4.17 -17.80
CA LYS A 232 -7.87 3.43 -19.05
C LYS A 232 -9.18 2.72 -19.36
N GLN A 233 -9.79 2.10 -18.35
CA GLN A 233 -11.01 1.31 -18.53
C GLN A 233 -12.23 2.21 -18.70
N SER A 234 -12.34 3.24 -17.85
CA SER A 234 -13.54 4.08 -17.79
C SER A 234 -13.51 5.13 -18.89
N GLN A 235 -12.30 5.57 -19.25
CA GLN A 235 -12.10 6.67 -20.19
C GLN A 235 -12.69 7.96 -19.64
N LEU A 236 -12.70 8.09 -18.30
CA LEU A 236 -13.19 9.28 -17.63
C LEU A 236 -12.08 9.89 -16.79
N SER A 237 -12.20 11.19 -16.55
CA SER A 237 -11.48 11.82 -15.45
C SER A 237 -11.96 11.20 -14.15
N LEU A 238 -11.17 11.38 -13.08
CA LEU A 238 -11.56 10.87 -11.77
C LEU A 238 -12.86 11.53 -11.31
N LEU A 239 -13.02 12.84 -11.56
CA LEU A 239 -14.26 13.50 -11.15
C LEU A 239 -15.45 12.80 -11.81
N ASP A 240 -15.37 12.60 -13.13
CA ASP A 240 -16.46 12.04 -13.91
C ASP A 240 -16.70 10.60 -13.48
N TYR A 241 -15.60 9.88 -13.20
CA TYR A 241 -15.68 8.54 -12.66
C TYR A 241 -16.44 8.54 -11.35
N PHE A 242 -16.08 9.45 -10.43
CA PHE A 242 -16.78 9.55 -9.16
C PHE A 242 -18.26 9.84 -9.38
N LEU A 243 -18.59 10.81 -10.24
CA LEU A 243 -19.98 11.18 -10.47
C LEU A 243 -20.77 9.99 -11.02
N GLN A 244 -20.13 9.18 -11.86
CA GLN A 244 -20.76 8.01 -12.46
C GLN A 244 -20.86 6.86 -11.45
N GLU A 245 -19.74 6.57 -10.77
CA GLU A 245 -19.65 5.38 -9.93
C GLU A 245 -20.32 5.57 -8.58
N HIS A 246 -20.19 6.76 -7.98
CA HIS A 246 -20.70 7.00 -6.63
C HIS A 246 -22.06 7.68 -6.71
N GLY A 247 -22.11 8.83 -7.37
CA GLY A 247 -23.36 9.54 -7.59
C GLY A 247 -23.13 11.01 -7.91
N SER A 248 -24.23 11.73 -8.17
CA SER A 248 -24.16 13.14 -8.51
C SER A 248 -23.89 14.00 -7.26
N TYR A 249 -23.64 15.29 -7.48
CA TYR A 249 -23.18 16.20 -6.45
C TYR A 249 -24.11 16.22 -5.23
N THR A 250 -25.40 15.98 -5.42
CA THR A 250 -26.36 16.13 -4.33
C THR A 250 -26.53 14.81 -3.58
N THR A 251 -25.68 13.81 -3.85
CA THR A 251 -25.88 12.49 -3.25
C THR A 251 -24.93 12.30 -2.08
N GLU A 252 -25.40 11.54 -1.09
CA GLU A 252 -24.58 11.13 0.03
C GLU A 252 -23.36 10.35 -0.47
N ALA A 253 -23.55 9.52 -1.51
CA ALA A 253 -22.49 8.65 -1.99
C ALA A 253 -21.32 9.46 -2.54
N PHE A 254 -21.65 10.53 -3.27
CA PHE A 254 -20.62 11.37 -3.85
C PHE A 254 -19.84 12.05 -2.73
N LEU A 255 -20.57 12.67 -1.80
CA LEU A 255 -19.93 13.38 -0.70
C LEU A 255 -19.06 12.45 0.14
N SER A 256 -19.52 11.23 0.38
N SER A 256 -19.55 11.23 0.38
N SER A 256 -19.55 11.23 0.38
CA SER A 256 -18.78 10.28 1.19
CA SER A 256 -18.83 10.23 1.16
CA SER A 256 -18.82 10.24 1.16
C SER A 256 -17.50 9.85 0.47
C SER A 256 -17.51 9.87 0.46
C SER A 256 -17.52 9.85 0.47
N ALA A 257 -17.61 9.60 -0.84
CA ALA A 257 -16.44 9.22 -1.64
C ALA A 257 -15.44 10.37 -1.70
N GLN A 258 -15.97 11.59 -1.87
CA GLN A 258 -15.14 12.77 -1.91
C GLN A 258 -14.40 12.93 -0.58
N ARG A 259 -15.09 12.75 0.54
CA ARG A 259 -14.50 12.84 1.86
C ARG A 259 -13.38 11.81 2.03
N ASN A 260 -13.63 10.59 1.53
CA ASN A 260 -12.66 9.49 1.60
C ASN A 260 -11.44 9.83 0.73
N PHE A 261 -11.67 10.35 -0.47
CA PHE A 261 -10.58 10.77 -1.34
C PHE A 261 -9.71 11.83 -0.64
N VAL A 262 -10.33 12.85 -0.04
CA VAL A 262 -9.58 13.93 0.60
C VAL A 262 -8.78 13.40 1.79
N GLN A 263 -9.41 12.55 2.61
CA GLN A 263 -8.76 12.08 3.83
C GLN A 263 -7.57 11.20 3.50
N SER A 264 -7.68 10.41 2.42
CA SER A 264 -6.59 9.54 1.97
C SER A 264 -5.53 10.34 1.23
N CYS A 265 -5.94 11.33 0.41
N CYS A 265 -5.94 11.35 0.45
CA CYS A 265 -4.99 12.21 -0.26
CA CYS A 265 -4.99 12.20 -0.26
C CYS A 265 -4.13 12.93 0.77
C CYS A 265 -4.13 12.97 0.75
N ALA A 266 -4.77 13.45 1.83
CA ALA A 266 -4.06 14.16 2.89
C ALA A 266 -3.12 13.22 3.63
N GLY A 267 -3.61 12.02 3.95
CA GLY A 267 -2.79 11.02 4.60
C GLY A 267 -1.53 10.70 3.80
N TYR A 268 -1.68 10.45 2.49
CA TYR A 268 -0.54 10.04 1.68
C TYR A 268 0.33 11.24 1.31
N CYS A 269 -0.24 12.44 1.29
CA CYS A 269 0.61 13.62 1.12
C CYS A 269 1.63 13.66 2.26
N LEU A 270 1.16 13.45 3.50
CA LEU A 270 2.01 13.51 4.67
C LEU A 270 2.99 12.34 4.69
N VAL A 271 2.51 11.14 4.32
CA VAL A 271 3.37 9.98 4.23
C VAL A 271 4.50 10.26 3.23
N CYS A 272 4.16 10.78 2.04
CA CYS A 272 5.15 10.98 0.99
C CYS A 272 6.17 12.05 1.40
N TYR A 273 5.72 13.07 2.14
CA TYR A 273 6.61 14.13 2.59
C TYR A 273 7.56 13.61 3.67
N LEU A 274 7.00 13.04 4.73
CA LEU A 274 7.79 12.59 5.86
C LEU A 274 8.79 11.51 5.42
N LEU A 275 8.34 10.51 4.64
CA LEU A 275 9.23 9.44 4.21
C LEU A 275 9.96 9.75 2.89
N GLN A 276 9.65 10.88 2.24
CA GLN A 276 10.26 11.26 0.98
C GLN A 276 10.12 10.12 -0.03
N VAL A 277 8.87 9.67 -0.19
CA VAL A 277 8.54 8.61 -1.13
C VAL A 277 8.61 9.19 -2.54
N LYS A 278 9.41 8.56 -3.41
CA LYS A 278 9.56 8.99 -4.79
C LYS A 278 8.89 7.99 -5.73
N ASP A 279 9.01 8.24 -7.04
CA ASP A 279 8.51 7.36 -8.09
C ASP A 279 6.98 7.27 -7.97
N ARG A 280 6.32 8.41 -7.82
CA ARG A 280 4.88 8.46 -7.70
C ARG A 280 4.30 8.61 -9.11
N HIS A 281 3.39 7.69 -9.48
CA HIS A 281 2.72 7.73 -10.76
C HIS A 281 1.40 6.96 -10.61
N ASN A 282 0.57 6.98 -11.65
CA ASN A 282 -0.77 6.44 -11.59
C ASN A 282 -0.75 4.91 -11.59
N GLY A 283 0.41 4.32 -11.92
CA GLY A 283 0.60 2.89 -11.77
C GLY A 283 0.82 2.45 -10.32
N ASN A 284 1.28 3.33 -9.43
CA ASN A 284 1.48 2.88 -8.05
C ASN A 284 0.64 3.72 -7.08
N ILE A 285 -0.48 4.26 -7.58
CA ILE A 285 -1.53 4.78 -6.73
C ILE A 285 -2.81 4.03 -7.09
N LEU A 286 -3.43 3.38 -6.08
CA LEU A 286 -4.66 2.62 -6.29
C LEU A 286 -5.86 3.45 -5.83
N LEU A 287 -7.03 3.14 -6.40
CA LEU A 287 -8.30 3.69 -5.95
C LEU A 287 -9.21 2.57 -5.49
N ASP A 288 -9.77 2.69 -4.27
CA ASP A 288 -10.63 1.65 -3.75
C ASP A 288 -12.10 2.01 -4.03
N ALA A 289 -12.99 1.06 -3.74
CA ALA A 289 -14.39 1.19 -4.10
C ALA A 289 -15.08 2.26 -3.25
N GLU A 290 -14.40 2.77 -2.21
CA GLU A 290 -14.98 3.75 -1.30
C GLU A 290 -14.52 5.16 -1.67
N GLY A 291 -13.56 5.27 -2.59
CA GLY A 291 -13.05 6.55 -3.02
C GLY A 291 -11.70 6.93 -2.40
N HIS A 292 -11.14 6.06 -1.54
CA HIS A 292 -9.80 6.31 -1.02
C HIS A 292 -8.76 6.03 -2.09
N ILE A 293 -7.65 6.78 -2.07
CA ILE A 293 -6.43 6.39 -2.77
C ILE A 293 -5.51 5.65 -1.80
N ILE A 294 -4.64 4.80 -2.38
CA ILE A 294 -3.65 4.02 -1.65
C ILE A 294 -2.35 4.06 -2.46
N HIS A 295 -1.28 4.60 -1.85
CA HIS A 295 0.04 4.52 -2.44
C HIS A 295 0.69 3.18 -2.14
N ILE A 296 1.34 2.63 -3.16
CA ILE A 296 2.10 1.39 -3.03
C ILE A 296 3.49 1.57 -3.61
N ASP A 297 4.37 0.62 -3.27
CA ASP A 297 5.70 0.48 -3.83
C ASP A 297 6.61 1.60 -3.30
N PHE A 298 7.24 1.30 -2.17
CA PHE A 298 8.10 2.25 -1.49
C PHE A 298 9.57 1.92 -1.80
N GLY A 299 9.87 1.75 -3.09
CA GLY A 299 11.21 1.35 -3.53
C GLY A 299 12.21 2.49 -3.49
N PHE A 300 11.71 3.73 -3.43
CA PHE A 300 12.57 4.90 -3.30
C PHE A 300 12.03 5.78 -2.17
N ILE A 301 12.66 5.69 -0.99
CA ILE A 301 12.27 6.50 0.17
C ILE A 301 13.53 7.08 0.80
N LEU A 302 13.32 8.11 1.63
CA LEU A 302 14.38 8.73 2.41
C LEU A 302 15.53 9.12 1.47
N SER A 303 16.74 8.56 1.68
CA SER A 303 17.92 8.99 0.94
C SER A 303 18.19 8.14 -0.30
N SER A 304 17.20 7.37 -0.76
CA SER A 304 17.34 6.56 -1.96
C SER A 304 17.78 7.43 -3.14
N SER A 305 18.82 7.00 -3.86
CA SER A 305 19.19 7.61 -5.14
C SER A 305 18.18 7.18 -6.20
N PRO A 306 17.96 7.98 -7.28
CA PRO A 306 18.62 9.27 -7.48
C PRO A 306 17.89 10.44 -6.81
N ARG A 307 18.67 11.42 -6.33
CA ARG A 307 18.12 12.59 -5.66
C ARG A 307 17.43 13.49 -6.69
N ASN A 308 16.31 14.09 -6.29
CA ASN A 308 15.60 15.07 -7.11
C ASN A 308 16.43 16.35 -7.25
N LEU A 309 16.57 16.82 -8.49
CA LEU A 309 17.37 18.01 -8.80
C LEU A 309 16.46 19.20 -9.14
N GLY A 310 15.14 19.05 -8.96
CA GLY A 310 14.18 20.07 -9.38
C GLY A 310 13.58 20.87 -8.21
N PHE A 311 14.25 20.86 -7.05
CA PHE A 311 13.82 21.62 -5.89
C PHE A 311 12.41 21.23 -5.44
N GLU A 312 12.10 19.94 -5.41
CA GLU A 312 10.78 19.47 -4.99
C GLU A 312 10.80 19.16 -3.49
N THR A 313 9.77 19.60 -2.77
CA THR A 313 9.60 19.27 -1.37
C THR A 313 9.19 17.81 -1.22
N SER A 314 8.42 17.33 -2.20
CA SER A 314 7.93 15.97 -2.20
C SER A 314 7.62 15.55 -3.64
N ALA A 315 7.58 14.23 -3.89
CA ALA A 315 7.20 13.71 -5.20
C ALA A 315 5.69 13.51 -5.27
N PHE A 316 5.00 13.72 -4.14
CA PHE A 316 3.54 13.77 -4.13
C PHE A 316 3.08 14.94 -5.00
N LYS A 317 2.30 14.65 -6.04
CA LYS A 317 1.85 15.71 -6.90
C LYS A 317 0.32 15.74 -6.87
N LEU A 318 -0.20 16.93 -6.63
CA LEU A 318 -1.62 17.21 -6.64
C LEU A 318 -1.97 17.70 -8.03
N THR A 319 -2.50 16.82 -8.87
CA THR A 319 -2.81 17.15 -10.25
C THR A 319 -4.15 17.87 -10.33
N THR A 320 -4.41 18.48 -11.50
CA THR A 320 -5.68 19.11 -11.79
C THR A 320 -6.83 18.13 -11.55
N GLU A 321 -6.64 16.89 -12.02
CA GLU A 321 -7.64 15.83 -11.90
C GLU A 321 -8.01 15.63 -10.43
N PHE A 322 -7.00 15.60 -9.56
CA PHE A 322 -7.21 15.42 -8.14
C PHE A 322 -7.92 16.62 -7.52
N VAL A 323 -7.46 17.83 -7.86
CA VAL A 323 -8.07 19.05 -7.34
C VAL A 323 -9.54 19.10 -7.79
N ASP A 324 -9.82 18.64 -9.01
CA ASP A 324 -11.18 18.64 -9.53
C ASP A 324 -12.09 17.71 -8.70
N VAL A 325 -11.59 16.53 -8.32
CA VAL A 325 -12.36 15.63 -7.48
C VAL A 325 -12.72 16.32 -6.17
N MET A 326 -11.78 17.12 -5.66
CA MET A 326 -11.98 17.88 -4.44
C MET A 326 -12.82 19.12 -4.68
N GLY A 327 -13.31 19.29 -5.91
CA GLY A 327 -14.21 20.39 -6.22
C GLY A 327 -13.46 21.71 -6.38
N GLY A 328 -12.19 21.65 -6.81
CA GLY A 328 -11.45 22.82 -7.25
C GLY A 328 -10.72 23.56 -6.13
N LEU A 329 -9.90 24.54 -6.54
CA LEU A 329 -8.96 25.24 -5.66
C LEU A 329 -9.68 26.03 -4.57
N ASP A 330 -10.90 26.53 -4.85
CA ASP A 330 -11.57 27.39 -3.89
C ASP A 330 -12.58 26.58 -3.07
N GLY A 331 -12.66 25.26 -3.30
CA GLY A 331 -13.74 24.45 -2.76
C GLY A 331 -13.53 24.10 -1.28
N ASP A 332 -14.64 23.78 -0.60
CA ASP A 332 -14.63 23.44 0.81
C ASP A 332 -13.82 22.17 1.06
N MET A 333 -13.89 21.19 0.15
CA MET A 333 -13.19 19.93 0.33
C MET A 333 -11.69 20.10 0.19
N PHE A 334 -11.25 21.03 -0.69
CA PHE A 334 -9.85 21.38 -0.78
C PHE A 334 -9.38 22.09 0.49
N ASN A 335 -10.21 22.96 1.08
CA ASN A 335 -9.86 23.59 2.34
C ASN A 335 -9.76 22.55 3.45
N TYR A 336 -10.68 21.58 3.45
CA TYR A 336 -10.64 20.46 4.39
C TYR A 336 -9.33 19.68 4.24
N TYR A 337 -8.94 19.40 2.99
CA TYR A 337 -7.66 18.76 2.69
C TYR A 337 -6.52 19.48 3.41
N LYS A 338 -6.47 20.81 3.28
CA LYS A 338 -5.38 21.57 3.85
C LYS A 338 -5.44 21.54 5.38
N MET A 339 -6.66 21.54 5.94
CA MET A 339 -6.84 21.47 7.39
C MET A 339 -6.33 20.14 7.93
N LEU A 340 -6.63 19.06 7.21
CA LEU A 340 -6.21 17.73 7.61
C LEU A 340 -4.69 17.61 7.58
N MET A 341 -4.07 18.20 6.55
CA MET A 341 -2.63 18.19 6.45
C MET A 341 -2.01 18.86 7.68
N LEU A 342 -2.58 20.00 8.10
CA LEU A 342 -2.07 20.74 9.24
C LEU A 342 -2.30 19.94 10.51
N GLN A 343 -3.51 19.44 10.73
CA GLN A 343 -3.75 18.67 11.95
C GLN A 343 -2.91 17.39 11.95
N GLY A 344 -2.71 16.78 10.77
CA GLY A 344 -1.90 15.58 10.67
C GLY A 344 -0.44 15.83 11.03
N LEU A 345 0.10 16.97 10.58
CA LEU A 345 1.50 17.31 10.81
C LEU A 345 1.67 17.66 12.28
N ILE A 346 0.69 18.37 12.83
CA ILE A 346 0.70 18.70 14.25
C ILE A 346 0.78 17.40 15.06
N ALA A 347 -0.05 16.43 14.72
CA ALA A 347 -0.10 15.15 15.41
C ALA A 347 1.23 14.41 15.26
N ALA A 348 1.76 14.36 14.03
CA ALA A 348 3.00 13.66 13.74
C ALA A 348 4.14 14.25 14.57
N ARG A 349 4.24 15.59 14.52
CA ARG A 349 5.24 16.33 15.27
C ARG A 349 5.20 15.99 16.76
N LYS A 350 3.98 15.94 17.31
CA LYS A 350 3.78 15.70 18.73
C LYS A 350 4.32 14.32 19.12
N HIS A 351 4.31 13.35 18.19
CA HIS A 351 4.73 11.99 18.49
C HIS A 351 5.94 11.58 17.65
N MET A 352 6.79 12.56 17.32
CA MET A 352 7.89 12.39 16.38
C MET A 352 8.82 11.24 16.74
N ASP A 353 9.13 11.09 18.03
CA ASP A 353 10.12 10.12 18.48
C ASP A 353 9.67 8.69 18.20
N LYS A 354 8.36 8.45 18.21
CA LYS A 354 7.82 7.13 17.93
C LYS A 354 8.13 6.73 16.48
N VAL A 355 8.11 7.71 15.56
CA VAL A 355 8.36 7.44 14.15
C VAL A 355 9.86 7.33 13.88
N VAL A 356 10.63 8.29 14.41
CA VAL A 356 12.05 8.35 14.12
C VAL A 356 12.72 7.09 14.67
N GLN A 357 12.27 6.61 15.83
CA GLN A 357 12.88 5.44 16.46
C GLN A 357 12.78 4.22 15.54
N ILE A 358 11.63 4.04 14.89
CA ILE A 358 11.43 2.94 13.95
C ILE A 358 12.50 2.98 12.87
N VAL A 359 12.76 4.19 12.36
CA VAL A 359 13.70 4.36 11.26
C VAL A 359 15.14 4.09 11.75
N GLU A 360 15.45 4.54 12.96
CA GLU A 360 16.79 4.42 13.51
C GLU A 360 17.13 2.95 13.81
N ILE A 361 16.15 2.21 14.32
CA ILE A 361 16.31 0.79 14.59
C ILE A 361 16.57 0.02 13.30
N MET A 362 15.78 0.28 12.26
CA MET A 362 16.01 -0.35 10.97
C MET A 362 17.42 0.00 10.47
N GLN A 363 17.84 1.25 10.65
CA GLN A 363 19.11 1.72 10.12
C GLN A 363 20.29 1.04 10.80
N GLN A 364 20.15 0.74 12.11
CA GLN A 364 21.20 0.11 12.88
C GLN A 364 21.39 -1.34 12.45
N GLY A 365 20.29 -2.00 12.09
CA GLY A 365 20.32 -3.41 11.74
C GLY A 365 20.76 -3.67 10.30
N SER A 366 20.50 -2.72 9.38
CA SER A 366 20.56 -2.99 7.96
C SER A 366 21.33 -1.91 7.20
N GLN A 367 21.85 -2.28 6.02
CA GLN A 367 22.59 -1.37 5.15
C GLN A 367 21.78 -1.10 3.89
N LEU A 368 20.58 -0.52 4.08
CA LEU A 368 19.61 -0.35 3.01
C LEU A 368 19.98 0.87 2.17
N PRO A 369 19.61 0.89 0.87
CA PRO A 369 19.89 2.03 -0.02
C PRO A 369 19.24 3.36 0.37
N CYS A 370 18.18 3.31 1.17
CA CYS A 370 17.47 4.50 1.61
C CYS A 370 18.22 5.20 2.75
N PHE A 371 19.31 4.60 3.26
CA PHE A 371 20.13 5.22 4.29
C PHE A 371 21.46 5.70 3.69
N HIS A 372 21.92 6.88 4.13
CA HIS A 372 23.11 7.51 3.57
C HIS A 372 23.85 8.32 4.64
N GLY A 373 24.01 7.74 5.83
CA GLY A 373 24.99 8.20 6.81
C GLY A 373 24.60 9.52 7.47
N SER A 374 24.02 9.42 8.68
CA SER A 374 23.79 10.56 9.57
C SER A 374 22.67 11.46 9.07
N SER A 375 22.79 11.89 7.80
CA SER A 375 21.93 12.92 7.24
C SER A 375 20.49 12.41 7.07
N THR A 376 20.33 11.12 6.82
CA THR A 376 18.99 10.55 6.62
C THR A 376 18.10 10.91 7.79
N ILE A 377 18.57 10.61 9.00
CA ILE A 377 17.79 10.80 10.22
C ILE A 377 17.67 12.29 10.53
N ARG A 378 18.77 13.04 10.40
CA ARG A 378 18.73 14.48 10.60
C ARG A 378 17.62 15.11 9.77
N ASN A 379 17.62 14.83 8.46
CA ASN A 379 16.65 15.40 7.55
C ASN A 379 15.23 14.96 7.89
N LEU A 380 15.05 13.70 8.31
CA LEU A 380 13.75 13.20 8.71
C LEU A 380 13.21 14.01 9.88
N LYS A 381 14.02 14.17 10.94
CA LYS A 381 13.62 14.95 12.11
C LYS A 381 13.23 16.38 11.72
N GLU A 382 13.99 16.98 10.81
CA GLU A 382 13.73 18.35 10.37
C GLU A 382 12.39 18.46 9.65
N ARG A 383 11.90 17.36 9.06
CA ARG A 383 10.62 17.38 8.36
C ARG A 383 9.45 17.35 9.34
N PHE A 384 9.71 17.24 10.65
CA PHE A 384 8.64 17.34 11.62
C PHE A 384 8.46 18.76 12.14
N HIS A 385 9.39 19.66 11.82
CA HIS A 385 9.22 21.10 12.07
C HIS A 385 8.98 21.38 13.56
N MET A 386 9.82 20.78 14.42
CA MET A 386 9.67 20.86 15.87
C MET A 386 9.75 22.31 16.36
N SER A 387 10.48 23.18 15.66
CA SER A 387 10.68 24.55 16.11
C SER A 387 9.57 25.49 15.68
N MET A 388 8.60 25.01 14.88
CA MET A 388 7.58 25.90 14.32
C MET A 388 6.40 26.02 15.29
N THR A 389 5.80 27.21 15.34
CA THR A 389 4.48 27.39 15.93
C THR A 389 3.42 26.84 14.98
N GLU A 390 2.20 26.67 15.50
CA GLU A 390 1.09 26.19 14.67
C GLU A 390 0.76 27.21 13.58
N GLU A 391 0.98 28.50 13.85
CA GLU A 391 0.76 29.53 12.84
C GLU A 391 1.76 29.33 11.69
N GLN A 392 3.02 29.09 12.06
CA GLN A 392 4.06 28.82 11.07
C GLN A 392 3.72 27.53 10.32
N LEU A 393 3.28 26.49 11.02
CA LEU A 393 2.95 25.23 10.37
C LEU A 393 1.85 25.43 9.34
N GLN A 394 0.88 26.31 9.63
CA GLN A 394 -0.19 26.58 8.70
C GLN A 394 0.38 27.21 7.43
N LEU A 395 1.32 28.14 7.59
CA LEU A 395 1.96 28.78 6.44
C LEU A 395 2.76 27.75 5.65
N LEU A 396 3.44 26.85 6.35
CA LEU A 396 4.21 25.79 5.70
C LEU A 396 3.29 24.89 4.87
N VAL A 397 2.16 24.47 5.45
CA VAL A 397 1.21 23.63 4.71
C VAL A 397 0.78 24.34 3.43
N GLU A 398 0.48 25.64 3.50
CA GLU A 398 0.09 26.37 2.30
C GLU A 398 1.18 26.30 1.23
N GLN A 399 2.44 26.50 1.65
CA GLN A 399 3.58 26.47 0.74
C GLN A 399 3.73 25.08 0.10
N MET A 400 3.62 24.04 0.93
CA MET A 400 3.76 22.66 0.49
C MET A 400 2.67 22.29 -0.50
N VAL A 401 1.43 22.69 -0.21
CA VAL A 401 0.31 22.37 -1.10
C VAL A 401 0.53 23.09 -2.43
N ASP A 402 0.91 24.36 -2.36
CA ASP A 402 1.22 25.13 -3.56
C ASP A 402 2.28 24.40 -4.38
N GLY A 403 3.36 23.97 -3.70
CA GLY A 403 4.45 23.26 -4.37
C GLY A 403 4.00 21.95 -5.01
N SER A 404 3.02 21.27 -4.40
CA SER A 404 2.58 19.96 -4.88
C SER A 404 1.79 20.10 -6.20
N MET A 405 1.38 21.34 -6.50
CA MET A 405 0.62 21.63 -7.71
C MET A 405 1.51 22.27 -8.78
N ARG A 406 2.83 22.23 -8.59
CA ARG A 406 3.79 22.90 -9.45
C ARG A 406 3.68 22.43 -10.91
N SER A 407 3.21 21.18 -11.10
CA SER A 407 3.08 20.61 -12.43
C SER A 407 1.79 21.05 -13.12
N ILE A 408 0.88 21.71 -12.38
CA ILE A 408 -0.37 22.18 -12.95
C ILE A 408 -0.06 23.38 -13.85
N THR A 409 -0.67 23.40 -15.04
CA THR A 409 -0.32 24.33 -16.10
C THR A 409 -0.65 25.77 -15.70
N THR A 410 -1.65 25.93 -14.83
CA THR A 410 -2.01 27.22 -14.25
C THR A 410 -0.82 27.86 -13.53
N LYS A 411 0.02 27.04 -12.88
CA LYS A 411 1.16 27.53 -12.12
C LYS A 411 2.19 28.17 -13.04
N LEU A 412 2.40 27.58 -14.22
CA LEU A 412 3.26 28.15 -15.25
C LEU A 412 2.66 29.46 -15.73
N TYR A 413 1.38 29.41 -16.09
CA TYR A 413 0.64 30.55 -16.60
C TYR A 413 0.73 31.73 -15.62
N ASP A 414 0.54 31.46 -14.32
CA ASP A 414 0.33 32.50 -13.32
C ASP A 414 1.50 32.61 -12.35
N GLY A 415 2.69 32.16 -12.76
CA GLY A 415 3.84 32.14 -11.86
C GLY A 415 4.90 33.19 -12.18
N PHE A 416 4.66 34.04 -13.20
CA PHE A 416 5.73 34.82 -13.79
C PHE A 416 6.21 35.95 -12.88
N GLN A 417 5.46 36.28 -11.82
CA GLN A 417 5.87 37.31 -10.89
C GLN A 417 7.15 36.92 -10.16
N TYR A 418 7.43 35.61 -10.06
CA TYR A 418 8.60 35.13 -9.34
C TYR A 418 9.84 35.14 -10.25
N LEU A 419 9.63 35.26 -11.56
CA LEU A 419 10.66 35.06 -12.56
C LEU A 419 11.00 36.36 -13.31
N THR A 420 10.14 37.38 -13.19
CA THR A 420 10.34 38.67 -13.82
C THR A 420 10.02 39.78 -12.82
N ASN A 421 10.37 41.02 -13.16
CA ASN A 421 10.09 42.17 -12.32
C ASN A 421 8.65 42.66 -12.45
N GLY A 422 7.84 42.06 -13.34
CA GLY A 422 6.41 42.32 -13.32
C GLY A 422 5.78 41.80 -12.03
N ILE A 423 4.62 42.33 -11.66
CA ILE A 423 3.96 41.91 -10.43
C ILE A 423 2.88 40.87 -10.71
N MET A 424 2.73 40.52 -11.99
CA MET A 424 1.87 39.41 -12.41
C MET A 424 2.50 38.75 -13.64
#